data_7OCV
#
_entry.id   7OCV
#
_cell.length_a   77.737
_cell.length_b   94.976
_cell.length_c   62.228
_cell.angle_alpha   90.000
_cell.angle_beta   90.000
_cell.angle_gamma   90.000
#
_symmetry.space_group_name_H-M   'C 2 2 21'
#
loop_
_entity.id
_entity.type
_entity.pdbx_description
1 polymer 'Poly [ADP-ribose] polymerase'
2 non-polymer 'ACETATE ION'
3 non-polymer 6-methyl-3-[4-(2-oxidanylpropan-2-yl)phenyl]-4~{H}-pyrrolo[1,2-a]pyrazin-1-one
4 non-polymer 'ZINC ION'
5 water water
#
_entity_poly.entity_id   1
_entity_poly.type   'polypeptide(L)'
_entity_poly.pdbx_seq_one_letter_code
;QGTILLDLAPEDKEYQSVEEEMQSTIREHRDGGNAGGIFNRYNVIRIQKVVNKKLRERF(CME)HRQKEVSEENHNHHNE
RMLFHGSPFINAIIHKGFDERHAYIGGMFGAGIYFAENSSKSNQYVYGIGGGTGCPTHKDRSCYICHRQMLFCRVTLGKS
FLQFSTMKMAHAPPGHHSVIGRPSVNGLAYAEYVIYRGEQAYPEYLITYQIMKPE
;
_entity_poly.pdbx_strand_id   A
#
# COMPACT_ATOMS: atom_id res chain seq x y z
N GLY A 2 -8.27 3.07 21.45
CA GLY A 2 -7.72 2.42 20.27
C GLY A 2 -7.83 3.27 19.02
N THR A 3 -8.15 2.63 17.90
CA THR A 3 -8.27 3.33 16.64
C THR A 3 -9.67 3.93 16.47
N ILE A 4 -9.71 5.16 15.96
CA ILE A 4 -10.93 5.83 15.57
C ILE A 4 -10.85 6.16 14.10
N LEU A 5 -11.97 6.03 13.38
CA LEU A 5 -12.00 6.36 11.95
C LEU A 5 -12.78 7.65 11.77
N LEU A 6 -12.17 8.66 11.12
CA LEU A 6 -12.86 9.93 10.89
C LEU A 6 -13.35 9.98 9.47
N ASP A 7 -14.64 10.17 9.24
CA ASP A 7 -15.18 10.22 7.88
C ASP A 7 -14.80 11.53 7.21
N LEU A 8 -14.24 11.45 6.01
CA LEU A 8 -13.93 12.64 5.23
C LEU A 8 -15.08 12.92 4.30
N ALA A 9 -15.43 14.19 4.15
CA ALA A 9 -16.56 14.54 3.29
C ALA A 9 -16.11 14.62 1.85
N PRO A 10 -16.93 14.16 0.90
CA PRO A 10 -16.57 14.25 -0.52
C PRO A 10 -16.27 15.65 -1.01
N GLU A 11 -16.88 16.66 -0.38
CA GLU A 11 -16.64 18.05 -0.77
C GLU A 11 -15.31 18.61 -0.22
N ASP A 12 -14.66 17.91 0.72
CA ASP A 12 -13.41 18.32 1.36
C ASP A 12 -12.23 18.04 0.44
N LYS A 13 -11.29 19.00 0.38
CA LYS A 13 -10.08 18.90 -0.45
C LYS A 13 -9.21 17.70 -0.08
N GLU A 14 -9.22 17.28 1.20
CA GLU A 14 -8.43 16.13 1.65
C GLU A 14 -8.98 14.84 1.01
N TYR A 15 -10.31 14.67 0.99
CA TYR A 15 -10.94 13.52 0.34
C TYR A 15 -10.60 13.54 -1.16
N GLN A 16 -10.73 14.72 -1.79
CA GLN A 16 -10.47 14.86 -3.21
C GLN A 16 -9.03 14.53 -3.60
N SER A 17 -8.07 14.96 -2.79
N SER A 17 -8.06 14.97 -2.81
CA SER A 17 -6.64 14.69 -3.02
CA SER A 17 -6.65 14.67 -3.10
C SER A 17 -6.35 13.19 -2.98
C SER A 17 -6.40 13.16 -3.03
N VAL A 18 -6.94 12.49 -2.00
CA VAL A 18 -6.75 11.04 -1.87
C VAL A 18 -7.40 10.30 -3.05
N GLU A 19 -8.68 10.64 -3.39
CA GLU A 19 -9.31 10.01 -4.54
C GLU A 19 -8.53 10.26 -5.84
N GLU A 20 -8.05 11.49 -6.07
CA GLU A 20 -7.34 11.76 -7.32
C GLU A 20 -6.03 10.98 -7.43
N GLU A 21 -5.30 10.81 -6.31
CA GLU A 21 -4.07 10.00 -6.37
C GLU A 21 -4.42 8.54 -6.66
N MET A 22 -5.51 8.05 -6.06
CA MET A 22 -5.92 6.67 -6.28
C MET A 22 -6.31 6.45 -7.75
N GLN A 23 -7.14 7.34 -8.30
CA GLN A 23 -7.64 7.18 -9.67
C GLN A 23 -6.55 7.37 -10.70
N SER A 24 -5.74 8.41 -10.54
CA SER A 24 -4.73 8.74 -11.54
C SER A 24 -3.60 7.74 -11.66
N THR A 25 -3.39 6.91 -10.63
CA THR A 25 -2.30 5.94 -10.65
C THR A 25 -2.70 4.52 -11.06
N ILE A 26 -3.92 4.34 -11.57
CA ILE A 26 -4.35 3.05 -12.10
C ILE A 26 -3.54 2.77 -13.36
N ARG A 27 -3.08 1.55 -13.52
CA ARG A 27 -2.34 1.13 -14.70
C ARG A 27 -2.82 -0.22 -15.22
N GLU A 28 -2.47 -0.56 -16.47
CA GLU A 28 -2.83 -1.88 -17.01
C GLU A 28 -1.74 -2.82 -16.52
N HIS A 29 -2.12 -3.95 -15.93
CA HIS A 29 -1.18 -4.88 -15.37
C HIS A 29 -0.86 -6.04 -16.30
N ARG A 30 0.35 -6.54 -16.19
CA ARG A 30 0.86 -7.59 -17.09
C ARG A 30 0.16 -8.91 -16.96
N ASP A 31 -0.64 -9.11 -15.90
CA ASP A 31 -1.34 -10.38 -15.72
C ASP A 31 -2.73 -10.44 -16.39
N GLY A 32 -3.03 -9.52 -17.31
CA GLY A 32 -4.32 -9.50 -17.98
C GLY A 32 -5.49 -9.26 -17.03
N GLY A 33 -5.21 -8.66 -15.87
CA GLY A 33 -6.25 -8.39 -14.89
C GLY A 33 -6.58 -9.56 -13.97
N ASN A 34 -5.83 -10.68 -14.07
CA ASN A 34 -6.14 -11.88 -13.28
C ASN A 34 -6.25 -11.62 -11.80
N ALA A 35 -5.24 -10.93 -11.22
CA ALA A 35 -5.23 -10.70 -9.77
C ALA A 35 -6.26 -9.69 -9.28
N GLY A 36 -6.30 -8.50 -9.87
CA GLY A 36 -7.16 -7.45 -9.34
C GLY A 36 -8.43 -7.15 -10.08
N GLY A 37 -8.60 -7.77 -11.24
CA GLY A 37 -9.77 -7.52 -12.06
C GLY A 37 -9.51 -6.57 -13.21
N ILE A 38 -10.53 -6.40 -14.04
CA ILE A 38 -10.42 -5.54 -15.20
C ILE A 38 -11.19 -4.25 -14.99
N PHE A 39 -10.48 -3.13 -15.04
CA PHE A 39 -11.10 -1.82 -14.79
C PHE A 39 -10.14 -0.71 -15.16
N ASN A 40 -10.70 0.49 -15.43
N ASN A 40 -10.66 0.49 -15.39
CA ASN A 40 -9.96 1.73 -15.73
CA ASN A 40 -9.80 1.66 -15.59
C ASN A 40 -10.25 2.84 -14.70
C ASN A 40 -10.14 2.79 -14.61
N ARG A 41 -11.15 2.60 -13.72
CA ARG A 41 -11.57 3.60 -12.75
C ARG A 41 -12.19 2.91 -11.54
N TYR A 42 -12.15 3.55 -10.36
CA TYR A 42 -12.84 3.03 -9.19
C TYR A 42 -14.10 3.86 -8.91
N ASN A 43 -15.02 3.28 -8.16
CA ASN A 43 -16.13 4.00 -7.59
C ASN A 43 -15.76 4.09 -6.12
N VAL A 44 -15.36 5.26 -5.65
CA VAL A 44 -15.02 5.45 -4.24
C VAL A 44 -16.27 5.59 -3.39
N ILE A 45 -16.43 4.72 -2.41
CA ILE A 45 -17.58 4.71 -1.52
C ILE A 45 -17.33 5.67 -0.36
N ARG A 46 -16.16 5.57 0.27
CA ARG A 46 -15.83 6.45 1.37
C ARG A 46 -14.33 6.50 1.63
N ILE A 47 -13.87 7.59 2.26
CA ILE A 47 -12.48 7.73 2.64
C ILE A 47 -12.47 8.17 4.09
N GLN A 48 -11.74 7.44 4.93
CA GLN A 48 -11.66 7.71 6.36
C GLN A 48 -10.23 7.90 6.81
N LYS A 49 -10.03 8.80 7.77
N LYS A 49 -10.02 8.81 7.78
CA LYS A 49 -8.71 9.04 8.36
CA LYS A 49 -8.69 9.07 8.34
C LYS A 49 -8.60 8.10 9.57
C LYS A 49 -8.53 8.22 9.62
N VAL A 50 -7.45 7.43 9.71
CA VAL A 50 -7.23 6.52 10.81
C VAL A 50 -6.49 7.24 11.93
N VAL A 51 -7.12 7.34 13.12
CA VAL A 51 -6.51 8.03 14.26
C VAL A 51 -6.19 7.06 15.39
N ASN A 52 -4.93 6.99 15.79
CA ASN A 52 -4.52 6.11 16.87
C ASN A 52 -3.24 6.67 17.47
N LYS A 53 -3.34 7.17 18.70
CA LYS A 53 -2.24 7.80 19.43
C LYS A 53 -0.97 6.92 19.54
N LYS A 54 -1.12 5.66 19.98
CA LYS A 54 0.04 4.80 20.18
C LYS A 54 0.73 4.51 18.85
N LEU A 55 -0.08 4.23 17.81
CA LEU A 55 0.48 3.92 16.50
C LEU A 55 1.20 5.12 15.90
N ARG A 56 0.62 6.32 16.08
CA ARG A 56 1.23 7.53 15.53
C ARG A 56 2.56 7.80 16.28
N GLU A 57 2.57 7.64 17.61
CA GLU A 57 3.79 7.88 18.40
C GLU A 57 4.94 6.94 17.95
N ARG A 58 4.62 5.66 17.71
CA ARG A 58 5.64 4.71 17.29
C ARG A 58 6.19 5.07 15.92
N PHE A 59 5.31 5.50 15.01
CA PHE A 59 5.70 5.89 13.66
C PHE A 59 6.57 7.16 13.72
N HIS A 61 8.35 8.37 16.27
CA HIS A 61 9.61 8.11 16.97
C HIS A 61 10.61 7.50 15.99
N ARG A 62 10.15 6.52 15.21
CA ARG A 62 11.04 5.88 14.24
C ARG A 62 11.41 6.86 13.13
N GLN A 63 10.47 7.74 12.73
CA GLN A 63 10.76 8.69 11.67
C GLN A 63 11.85 9.67 12.07
N LYS A 64 11.81 10.14 13.32
CA LYS A 64 12.86 11.04 13.83
C LYS A 64 14.22 10.33 13.86
N GLU A 65 14.21 9.04 14.25
CA GLU A 65 15.39 8.22 14.33
C GLU A 65 16.02 8.04 12.95
N VAL A 66 15.20 7.73 11.93
CA VAL A 66 15.67 7.54 10.55
C VAL A 66 16.20 8.87 9.99
N SER A 67 15.49 9.97 10.28
CA SER A 67 15.90 11.29 9.82
C SER A 67 17.30 11.63 10.36
N GLU A 68 17.52 11.37 11.65
CA GLU A 68 18.84 11.62 12.26
C GLU A 68 19.95 10.77 11.62
N GLU A 69 19.65 9.53 11.25
CA GLU A 69 20.59 8.63 10.58
C GLU A 69 20.82 8.98 9.12
N ASN A 70 19.92 9.75 8.49
CA ASN A 70 20.01 10.00 7.05
C ASN A 70 20.07 11.49 6.67
N HIS A 71 21.01 12.24 7.27
CA HIS A 71 21.25 13.66 6.93
C HIS A 71 20.00 14.52 7.03
N ASN A 72 19.15 14.20 8.01
CA ASN A 72 17.90 14.90 8.32
C ASN A 72 16.86 14.77 7.19
N HIS A 73 16.90 13.66 6.44
CA HIS A 73 15.92 13.35 5.40
C HIS A 73 15.25 12.02 5.71
N HIS A 74 14.04 12.05 6.28
CA HIS A 74 13.32 10.79 6.55
C HIS A 74 12.74 10.17 5.28
N ASN A 75 12.59 10.97 4.19
CA ASN A 75 12.10 10.49 2.91
C ASN A 75 10.76 9.78 3.02
N GLU A 76 9.83 10.42 3.69
CA GLU A 76 8.48 9.84 3.81
C GLU A 76 7.79 9.95 2.45
N ARG A 77 7.06 8.90 2.07
N ARG A 77 7.07 8.90 2.06
CA ARG A 77 6.27 8.91 0.85
CA ARG A 77 6.27 8.88 0.84
C ARG A 77 4.87 8.35 1.08
C ARG A 77 4.84 8.45 1.19
N MET A 78 3.85 8.92 0.41
CA MET A 78 2.48 8.42 0.55
C MET A 78 2.32 7.27 -0.47
N LEU A 79 2.02 6.07 0.01
CA LEU A 79 1.96 4.88 -0.88
C LEU A 79 0.79 4.02 -0.53
N PHE A 80 0.31 3.23 -1.51
CA PHE A 80 -0.83 2.36 -1.28
C PHE A 80 -0.44 1.00 -0.70
N HIS A 81 -1.41 0.39 0.00
CA HIS A 81 -1.17 -0.98 0.51
C HIS A 81 -2.52 -1.71 0.49
N GLY A 82 -2.54 -2.88 -0.13
CA GLY A 82 -3.71 -3.74 -0.13
C GLY A 82 -3.38 -5.02 0.61
N SER A 83 -4.31 -5.52 1.39
CA SER A 83 -4.10 -6.76 2.14
C SER A 83 -5.45 -7.28 2.60
N PRO A 84 -5.62 -8.61 2.65
CA PRO A 84 -6.87 -9.14 3.22
C PRO A 84 -6.96 -8.89 4.73
N PHE A 85 -5.84 -8.46 5.37
CA PHE A 85 -5.83 -8.23 6.81
C PHE A 85 -5.79 -6.75 7.15
N ILE A 86 -6.35 -5.88 6.29
N ILE A 86 -6.36 -5.90 6.29
CA ILE A 86 -6.34 -4.44 6.55
CA ILE A 86 -6.43 -4.44 6.52
C ILE A 86 -7.08 -4.11 7.86
C ILE A 86 -7.10 -4.11 7.85
N ASN A 87 -8.09 -4.91 8.25
CA ASN A 87 -8.80 -4.67 9.53
C ASN A 87 -7.83 -4.72 10.72
N ALA A 88 -6.92 -5.69 10.73
CA ALA A 88 -5.93 -5.80 11.81
C ALA A 88 -4.92 -4.65 11.71
N ILE A 89 -4.53 -4.27 10.49
CA ILE A 89 -3.60 -3.17 10.30
C ILE A 89 -4.16 -1.86 10.86
N ILE A 90 -5.45 -1.53 10.61
CA ILE A 90 -5.95 -0.24 11.14
C ILE A 90 -6.05 -0.22 12.67
N HIS A 91 -6.22 -1.39 13.29
CA HIS A 91 -6.33 -1.45 14.74
C HIS A 91 -5.04 -1.71 15.47
N LYS A 92 -4.10 -2.47 14.85
CA LYS A 92 -2.85 -2.83 15.52
C LYS A 92 -1.58 -2.27 14.86
N GLY A 93 -1.73 -1.64 13.70
CA GLY A 93 -0.66 -1.01 12.94
C GLY A 93 0.05 -1.98 12.02
N PHE A 94 0.99 -1.46 11.24
CA PHE A 94 1.82 -2.33 10.38
C PHE A 94 2.74 -3.18 11.27
N ASP A 95 3.02 -4.39 10.80
CA ASP A 95 3.79 -5.33 11.63
C ASP A 95 4.65 -6.18 10.72
N GLU A 96 5.98 -6.10 10.89
CA GLU A 96 6.90 -6.92 10.09
C GLU A 96 6.77 -8.41 10.46
N ARG A 97 6.18 -8.71 11.64
CA ARG A 97 5.93 -10.10 12.00
C ARG A 97 4.86 -10.74 11.06
N HIS A 98 4.17 -9.91 10.22
CA HIS A 98 3.23 -10.41 9.21
C HIS A 98 3.73 -9.99 7.83
N ALA A 99 5.02 -10.16 7.57
CA ALA A 99 5.63 -9.79 6.30
C ALA A 99 5.16 -10.67 5.14
N TYR A 100 5.34 -10.17 3.92
CA TYR A 100 5.05 -10.94 2.72
C TYR A 100 6.34 -11.74 2.44
N ILE A 101 6.38 -12.99 2.96
CA ILE A 101 7.55 -13.84 2.82
C ILE A 101 7.95 -14.10 1.37
N GLY A 102 6.96 -14.28 0.50
CA GLY A 102 7.23 -14.58 -0.90
C GLY A 102 7.54 -13.40 -1.80
N GLY A 103 7.61 -12.21 -1.23
CA GLY A 103 7.88 -11.00 -2.01
C GLY A 103 9.25 -11.02 -2.68
N MET A 104 9.42 -10.26 -3.76
CA MET A 104 10.66 -10.28 -4.53
C MET A 104 11.89 -9.77 -3.78
N PHE A 105 11.68 -9.05 -2.69
CA PHE A 105 12.77 -8.56 -1.85
C PHE A 105 12.74 -9.23 -0.44
N GLY A 106 12.10 -10.40 -0.34
CA GLY A 106 12.05 -11.11 0.92
C GLY A 106 10.95 -10.64 1.85
N ALA A 107 11.13 -11.02 3.11
CA ALA A 107 10.14 -10.83 4.14
C ALA A 107 10.03 -9.39 4.64
N GLY A 108 9.39 -8.56 3.82
CA GLY A 108 9.12 -7.16 4.17
C GLY A 108 7.63 -6.82 4.01
N ILE A 109 7.31 -5.57 4.22
CA ILE A 109 5.98 -5.00 4.06
C ILE A 109 6.07 -4.18 2.79
N TYR A 110 5.21 -4.50 1.80
CA TYR A 110 5.29 -3.95 0.45
C TYR A 110 4.22 -2.93 0.17
N PHE A 111 4.60 -1.87 -0.55
CA PHE A 111 3.73 -0.76 -0.91
C PHE A 111 3.93 -0.41 -2.38
N ALA A 112 2.94 0.27 -2.94
CA ALA A 112 3.03 0.65 -4.35
C ALA A 112 2.64 2.09 -4.51
N GLU A 113 3.21 2.75 -5.55
CA GLU A 113 2.77 4.10 -5.87
C GLU A 113 1.57 4.06 -6.82
N ASN A 114 1.25 2.90 -7.37
CA ASN A 114 0.10 2.73 -8.25
C ASN A 114 -0.99 2.01 -7.50
N SER A 115 -2.14 2.64 -7.34
CA SER A 115 -3.21 2.03 -6.54
C SER A 115 -3.64 0.67 -7.10
N SER A 116 -3.61 0.53 -8.43
CA SER A 116 -4.03 -0.74 -9.05
C SER A 116 -3.10 -1.91 -8.72
N LYS A 117 -1.82 -1.63 -8.39
N LYS A 117 -1.84 -1.61 -8.38
CA LYS A 117 -0.90 -2.70 -7.99
CA LYS A 117 -0.92 -2.67 -7.99
C LYS A 117 -1.33 -3.20 -6.60
C LYS A 117 -1.37 -3.19 -6.61
N SER A 118 -1.66 -2.27 -5.66
CA SER A 118 -2.12 -2.71 -4.34
C SER A 118 -3.48 -3.41 -4.43
N ASN A 119 -4.32 -3.00 -5.39
CA ASN A 119 -5.63 -3.65 -5.59
C ASN A 119 -5.45 -5.15 -5.92
N GLN A 120 -4.30 -5.55 -6.51
CA GLN A 120 -4.02 -6.97 -6.79
C GLN A 120 -3.84 -7.82 -5.51
N TYR A 121 -3.70 -7.18 -4.34
CA TYR A 121 -3.46 -7.88 -3.07
C TYR A 121 -4.56 -7.76 -2.05
N VAL A 122 -5.64 -7.00 -2.37
CA VAL A 122 -6.75 -6.81 -1.44
C VAL A 122 -7.38 -8.14 -1.02
N TYR A 123 -7.46 -9.09 -1.95
CA TYR A 123 -8.05 -10.41 -1.61
C TYR A 123 -6.99 -11.52 -1.41
N GLY A 124 -5.74 -11.14 -1.30
CA GLY A 124 -4.66 -12.07 -1.06
C GLY A 124 -3.58 -12.01 -2.11
N ILE A 125 -2.53 -12.84 -1.94
CA ILE A 125 -1.44 -12.90 -2.93
C ILE A 125 -2.01 -13.35 -4.28
N GLY A 126 -1.70 -12.59 -5.32
CA GLY A 126 -2.23 -12.88 -6.65
C GLY A 126 -3.75 -12.73 -6.75
N GLY A 127 -4.35 -12.00 -5.80
CA GLY A 127 -5.80 -11.83 -5.74
C GLY A 127 -6.51 -12.96 -5.01
N GLY A 128 -5.76 -13.99 -4.58
CA GLY A 128 -6.36 -15.13 -3.86
C GLY A 128 -7.49 -15.77 -4.64
N THR A 129 -8.62 -16.01 -3.95
CA THR A 129 -9.80 -16.52 -4.60
C THR A 129 -10.83 -15.40 -4.82
N GLY A 130 -10.41 -14.13 -4.79
CA GLY A 130 -11.33 -13.02 -5.01
C GLY A 130 -12.19 -12.71 -3.81
N CYS A 131 -13.33 -12.04 -4.05
CA CYS A 131 -14.20 -11.63 -2.97
C CYS A 131 -14.75 -12.81 -2.18
N PRO A 132 -14.98 -12.63 -0.88
CA PRO A 132 -15.53 -13.75 -0.08
C PRO A 132 -16.89 -14.24 -0.59
N THR A 133 -17.78 -13.32 -1.01
CA THR A 133 -19.14 -13.71 -1.42
C THR A 133 -19.25 -14.46 -2.75
N HIS A 134 -18.60 -13.97 -3.80
CA HIS A 134 -18.73 -14.54 -5.13
C HIS A 134 -17.48 -15.26 -5.62
N LYS A 135 -16.36 -15.25 -4.85
CA LYS A 135 -15.10 -15.87 -5.26
C LYS A 135 -14.65 -15.34 -6.63
N ASP A 136 -14.79 -14.04 -6.83
CA ASP A 136 -14.49 -13.41 -8.10
C ASP A 136 -13.42 -12.34 -7.90
N ARG A 137 -12.23 -12.54 -8.48
CA ARG A 137 -11.16 -11.54 -8.36
C ARG A 137 -11.50 -10.23 -9.07
N SER A 138 -12.43 -10.27 -10.04
CA SER A 138 -12.85 -9.07 -10.74
C SER A 138 -14.26 -8.67 -10.31
N CYS A 139 -14.63 -8.93 -9.04
CA CYS A 139 -16.00 -8.58 -8.60
C CYS A 139 -16.25 -7.09 -8.70
N TYR A 140 -17.36 -6.72 -9.35
CA TYR A 140 -17.78 -5.33 -9.50
C TYR A 140 -18.84 -4.94 -8.47
N ILE A 141 -19.27 -5.90 -7.61
CA ILE A 141 -20.32 -5.64 -6.63
C ILE A 141 -19.73 -5.35 -5.24
N CYS A 142 -18.85 -6.25 -4.76
CA CYS A 142 -18.35 -6.18 -3.39
C CYS A 142 -17.47 -4.99 -3.15
N HIS A 143 -17.61 -4.43 -1.95
CA HIS A 143 -16.83 -3.29 -1.54
C HIS A 143 -15.49 -3.77 -1.08
N ARG A 144 -14.46 -3.20 -1.65
CA ARG A 144 -13.07 -3.49 -1.34
C ARG A 144 -12.51 -2.38 -0.45
N GLN A 145 -11.40 -2.68 0.23
CA GLN A 145 -10.74 -1.66 1.03
C GLN A 145 -9.23 -1.68 0.72
N MET A 146 -8.62 -0.50 0.67
CA MET A 146 -7.17 -0.38 0.55
C MET A 146 -6.70 0.82 1.43
N LEU A 147 -5.41 0.84 1.75
CA LEU A 147 -4.86 1.93 2.56
C LEU A 147 -4.03 2.85 1.71
N PHE A 148 -3.98 4.14 2.09
CA PHE A 148 -3.05 5.13 1.49
C PHE A 148 -2.25 5.60 2.73
N CYS A 149 -0.98 5.24 2.77
CA CYS A 149 -0.13 5.25 3.95
C CYS A 149 0.98 6.24 3.93
N ARG A 150 1.43 6.66 5.13
CA ARG A 150 2.69 7.41 5.20
C ARG A 150 3.77 6.30 5.38
N VAL A 151 4.82 6.32 4.57
CA VAL A 151 5.88 5.30 4.68
C VAL A 151 7.22 6.00 4.78
N THR A 152 7.94 5.75 5.87
CA THR A 152 9.28 6.30 6.06
C THR A 152 10.29 5.42 5.31
N LEU A 153 10.88 5.96 4.25
CA LEU A 153 11.83 5.22 3.44
C LEU A 153 13.29 5.39 3.86
N GLY A 154 13.64 6.54 4.42
CA GLY A 154 15.03 6.85 4.75
C GLY A 154 15.98 6.67 3.57
N LYS A 155 17.09 5.95 3.78
CA LYS A 155 18.03 5.67 2.70
C LYS A 155 17.59 4.39 2.02
N SER A 156 17.14 4.49 0.75
CA SER A 156 16.64 3.30 0.05
C SER A 156 17.73 2.61 -0.76
N PHE A 157 17.65 1.29 -0.79
CA PHE A 157 18.58 0.49 -1.60
C PHE A 157 17.81 0.20 -2.88
N LEU A 158 18.32 0.67 -4.04
CA LEU A 158 17.60 0.50 -5.30
C LEU A 158 17.97 -0.79 -5.99
N GLN A 159 16.95 -1.54 -6.42
CA GLN A 159 17.16 -2.80 -7.13
C GLN A 159 16.23 -2.87 -8.34
N PHE A 160 16.64 -3.63 -9.35
CA PHE A 160 15.80 -3.84 -10.53
C PHE A 160 15.19 -5.23 -10.56
N SER A 161 15.83 -6.22 -9.90
CA SER A 161 15.32 -7.60 -9.93
C SER A 161 15.40 -8.24 -8.54
N THR A 162 14.77 -9.41 -8.38
CA THR A 162 14.67 -10.04 -7.07
C THR A 162 15.98 -10.14 -6.28
N MET A 163 15.86 -9.85 -5.00
N MET A 163 15.88 -9.83 -5.00
CA MET A 163 16.97 -9.93 -4.06
CA MET A 163 16.99 -9.94 -4.06
C MET A 163 16.34 -10.13 -2.71
C MET A 163 16.34 -10.14 -2.72
N LYS A 164 16.18 -11.41 -2.33
CA LYS A 164 15.52 -11.73 -1.09
C LYS A 164 16.35 -11.48 0.13
N MET A 165 15.75 -10.80 1.12
CA MET A 165 16.43 -10.54 2.37
C MET A 165 15.39 -10.48 3.51
N ALA A 166 15.87 -10.69 4.72
CA ALA A 166 15.00 -10.69 5.89
C ALA A 166 14.86 -9.31 6.51
N HIS A 167 15.90 -8.47 6.34
CA HIS A 167 15.95 -7.15 6.93
C HIS A 167 16.53 -6.19 5.92
N ALA A 168 16.44 -4.88 6.20
CA ALA A 168 16.98 -3.89 5.28
C ALA A 168 18.49 -4.10 5.08
N PRO A 169 19.03 -3.74 3.91
CA PRO A 169 20.46 -3.85 3.70
C PRO A 169 21.23 -3.00 4.73
N PRO A 170 22.44 -3.44 5.14
CA PRO A 170 23.22 -2.62 6.08
C PRO A 170 23.33 -1.16 5.61
N GLY A 171 23.14 -0.22 6.52
CA GLY A 171 23.21 1.20 6.21
C GLY A 171 21.96 1.76 5.55
N HIS A 172 20.94 0.93 5.34
CA HIS A 172 19.74 1.37 4.66
C HIS A 172 18.47 1.17 5.49
N HIS A 173 17.38 1.82 5.07
CA HIS A 173 16.10 1.73 5.78
C HIS A 173 14.96 1.15 4.97
N SER A 174 15.16 0.92 3.66
CA SER A 174 14.11 0.36 2.80
C SER A 174 14.76 -0.12 1.50
N VAL A 175 13.98 -0.86 0.72
CA VAL A 175 14.39 -1.31 -0.61
C VAL A 175 13.38 -0.79 -1.60
N ILE A 176 13.85 -0.31 -2.77
CA ILE A 176 12.93 0.11 -3.82
C ILE A 176 13.19 -0.73 -5.06
N GLY A 177 12.14 -1.36 -5.58
CA GLY A 177 12.22 -2.07 -6.84
C GLY A 177 11.81 -1.06 -7.91
N ARG A 178 12.76 -0.61 -8.74
CA ARG A 178 12.50 0.38 -9.76
C ARG A 178 12.13 -0.29 -11.09
N PRO A 179 11.21 0.32 -11.86
CA PRO A 179 10.84 -0.29 -13.15
C PRO A 179 12.00 -0.23 -14.14
N SER A 180 12.05 -1.21 -15.05
CA SER A 180 13.08 -1.29 -16.09
C SER A 180 12.54 -2.14 -17.24
N VAL A 181 13.07 -1.92 -18.47
CA VAL A 181 12.65 -2.55 -19.73
C VAL A 181 12.35 -4.06 -19.58
N ASN A 182 13.32 -4.82 -19.11
CA ASN A 182 13.16 -6.26 -18.92
C ASN A 182 12.87 -6.64 -17.48
N GLY A 183 12.37 -5.70 -16.68
CA GLY A 183 12.10 -5.94 -15.28
C GLY A 183 10.71 -5.52 -14.87
N LEU A 184 10.61 -4.90 -13.70
CA LEU A 184 9.33 -4.47 -13.14
C LEU A 184 8.62 -3.45 -14.02
N ALA A 185 7.30 -3.53 -14.05
CA ALA A 185 6.49 -2.58 -14.80
C ALA A 185 6.26 -1.35 -13.93
N TYR A 186 5.94 -1.57 -12.64
CA TYR A 186 5.61 -0.53 -11.66
C TYR A 186 6.49 -0.69 -10.43
N ALA A 187 6.79 0.43 -9.75
CA ALA A 187 7.67 0.38 -8.59
C ALA A 187 7.05 -0.34 -7.41
N GLU A 188 7.92 -0.87 -6.54
CA GLU A 188 7.48 -1.38 -5.26
C GLU A 188 8.47 -0.93 -4.20
N TYR A 189 7.93 -0.68 -3.03
CA TYR A 189 8.66 -0.08 -1.93
C TYR A 189 8.55 -1.04 -0.77
N VAL A 190 9.68 -1.36 -0.13
CA VAL A 190 9.65 -2.39 0.91
C VAL A 190 10.32 -1.89 2.18
N ILE A 191 9.65 -2.10 3.31
CA ILE A 191 10.21 -1.80 4.62
C ILE A 191 10.25 -3.11 5.41
N TYR A 192 11.10 -3.15 6.41
CA TYR A 192 11.29 -4.38 7.20
C TYR A 192 11.00 -4.17 8.67
N ARG A 193 10.40 -3.02 9.04
CA ARG A 193 10.01 -2.67 10.39
C ARG A 193 8.60 -2.06 10.27
N GLY A 194 7.65 -2.59 11.05
CA GLY A 194 6.27 -2.12 11.01
C GLY A 194 6.14 -0.65 11.36
N GLU A 195 7.00 -0.15 12.25
CA GLU A 195 6.93 1.27 12.66
C GLU A 195 7.36 2.25 11.56
N GLN A 196 7.79 1.75 10.39
CA GLN A 196 8.10 2.63 9.26
C GLN A 196 6.88 2.91 8.35
N ALA A 197 5.66 2.50 8.77
CA ALA A 197 4.46 2.86 7.99
C ALA A 197 3.31 3.14 8.93
N TYR A 198 2.44 4.07 8.50
CA TYR A 198 1.24 4.42 9.27
C TYR A 198 0.07 4.39 8.28
N PRO A 199 -1.03 3.68 8.66
CA PRO A 199 -2.18 3.54 7.74
C PRO A 199 -3.02 4.80 7.76
N GLU A 200 -2.57 5.85 7.09
CA GLU A 200 -3.20 7.18 7.17
C GLU A 200 -4.66 7.25 6.76
N TYR A 201 -4.97 6.68 5.60
CA TYR A 201 -6.33 6.68 5.09
C TYR A 201 -6.81 5.28 4.76
N LEU A 202 -8.08 5.01 5.06
CA LEU A 202 -8.73 3.76 4.72
C LEU A 202 -9.74 4.13 3.61
N ILE A 203 -9.58 3.55 2.43
CA ILE A 203 -10.43 3.82 1.28
C ILE A 203 -11.33 2.63 1.01
N THR A 204 -12.65 2.87 0.93
CA THR A 204 -13.60 1.81 0.62
C THR A 204 -14.06 2.09 -0.81
N TYR A 205 -14.04 1.07 -1.70
CA TYR A 205 -14.32 1.32 -3.10
C TYR A 205 -14.78 0.07 -3.81
N GLN A 206 -15.24 0.26 -5.06
CA GLN A 206 -15.52 -0.83 -5.99
C GLN A 206 -14.66 -0.59 -7.23
N ILE A 207 -14.23 -1.67 -7.92
CA ILE A 207 -13.62 -1.46 -9.23
C ILE A 207 -14.83 -1.32 -10.19
N MET A 208 -14.67 -0.52 -11.27
CA MET A 208 -15.78 -0.32 -12.22
C MET A 208 -15.60 -1.12 -13.52
N LYS A 209 -16.68 -1.72 -14.03
CA LYS A 209 -16.60 -2.47 -15.29
C LYS A 209 -16.43 -1.54 -16.49
N PRO A 210 -15.38 -1.69 -17.28
CA PRO A 210 -15.21 -0.83 -18.45
C PRO A 210 -16.36 -1.01 -19.44
N GLU A 211 -16.80 0.10 -20.06
CA GLU A 211 -17.85 0.12 -21.10
C GLU A 211 -18.07 1.52 -21.65
#